data_6NP9
#
_entry.id   6NP9
#
_cell.length_a   53.331
_cell.length_b   54.111
_cell.length_c   85.724
_cell.angle_alpha   90.00
_cell.angle_beta   90.00
_cell.angle_gamma   90.00
#
_symmetry.space_group_name_H-M   'C 2 2 21'
#
loop_
_entity.id
_entity.type
_entity.pdbx_description
1 polymer 'Programmed cell death 1 ligand 1'
2 non-polymer 'SULFATE ION'
3 water water
#
_entity_poly.entity_id   1
_entity_poly.type   'polypeptide(L)'
_entity_poly.pdbx_seq_one_letter_code
;AFTVTVPKDLYVVEYGSNMTIECKFPVEKQLDLAALIVYWEMEDKNIIQFVHGEEDLKTQHSSYRQRARLLKDQLSLGNA
ALQITDVKLQDAGVYRCMISYGGADYKRITVKVNAPYAAALHEHHHH
;
_entity_poly.pdbx_strand_id   A
#
# COMPACT_ATOMS: atom_id res chain seq x y z
N ALA A 1 -13.31 18.33 6.57
CA ALA A 1 -13.43 16.88 6.59
C ALA A 1 -12.08 16.25 6.25
N PHE A 2 -11.83 15.09 6.86
CA PHE A 2 -10.58 14.38 6.65
C PHE A 2 -10.56 13.80 5.24
N THR A 3 -9.52 14.14 4.47
N THR A 3 -9.54 14.15 4.46
CA THR A 3 -9.38 13.71 3.08
CA THR A 3 -9.41 13.67 3.09
C THR A 3 -8.03 13.05 2.89
C THR A 3 -8.04 13.04 2.89
N VAL A 4 -8.01 11.88 2.24
CA VAL A 4 -6.78 11.23 1.82
C VAL A 4 -6.61 11.56 0.34
N THR A 5 -5.38 11.91 -0.05
CA THR A 5 -5.08 12.29 -1.43
C THR A 5 -4.05 11.35 -2.01
N VAL A 6 -4.06 11.25 -3.34
N VAL A 6 -4.10 11.19 -3.33
CA VAL A 6 -3.11 10.42 -4.06
CA VAL A 6 -3.12 10.41 -4.09
C VAL A 6 -2.56 11.26 -5.22
C VAL A 6 -2.57 11.28 -5.21
N PRO A 7 -1.35 11.80 -5.09
CA PRO A 7 -0.78 12.58 -6.20
C PRO A 7 -0.59 11.76 -7.46
N LYS A 8 -0.36 10.46 -7.33
CA LYS A 8 -0.12 9.57 -8.47
C LYS A 8 -0.96 8.32 -8.24
N ASP A 9 -1.96 8.08 -9.10
CA ASP A 9 -2.86 6.94 -8.93
C ASP A 9 -2.69 5.88 -10.01
N LEU A 10 -1.64 5.97 -10.81
CA LEU A 10 -1.30 4.92 -11.77
C LEU A 10 0.20 4.69 -11.71
N TYR A 11 0.59 3.43 -11.46
CA TYR A 11 1.98 3.02 -11.47
C TYR A 11 2.14 1.91 -12.49
N VAL A 12 3.15 2.04 -13.36
CA VAL A 12 3.49 1.01 -14.33
C VAL A 12 4.91 0.56 -14.03
N VAL A 13 5.07 -0.69 -13.62
CA VAL A 13 6.36 -1.19 -13.16
C VAL A 13 6.66 -2.52 -13.84
N GLU A 14 7.95 -2.87 -13.83
CA GLU A 14 8.42 -4.12 -14.40
C GLU A 14 8.44 -5.19 -13.33
N TYR A 15 8.12 -6.41 -13.71
CA TYR A 15 8.21 -7.50 -12.75
C TYR A 15 9.63 -7.59 -12.20
N GLY A 16 9.74 -8.00 -10.93
CA GLY A 16 11.02 -8.09 -10.26
C GLY A 16 11.55 -6.78 -9.71
N SER A 17 10.89 -5.65 -9.97
CA SER A 17 11.36 -4.38 -9.46
C SER A 17 10.81 -4.15 -8.05
N ASN A 18 11.23 -3.06 -7.43
CA ASN A 18 10.62 -2.59 -6.20
C ASN A 18 9.79 -1.36 -6.52
N MET A 19 8.63 -1.23 -5.87
CA MET A 19 7.78 -0.08 -6.12
C MET A 19 7.25 0.46 -4.81
N THR A 20 7.16 1.78 -4.72
CA THR A 20 6.59 2.44 -3.55
C THR A 20 5.40 3.27 -4.00
N ILE A 21 4.21 2.90 -3.52
CA ILE A 21 2.97 3.62 -3.84
C ILE A 21 2.54 4.40 -2.59
N GLU A 22 1.93 5.57 -2.80
CA GLU A 22 1.76 6.51 -1.71
C GLU A 22 0.36 7.13 -1.64
N CYS A 23 -0.12 7.29 -0.41
CA CYS A 23 -1.32 8.06 -0.10
C CYS A 23 -0.98 9.13 0.93
N LYS A 24 -1.48 10.33 0.73
CA LYS A 24 -1.22 11.43 1.66
C LYS A 24 -2.44 11.69 2.55
N PHE A 25 -2.18 12.05 3.80
CA PHE A 25 -3.21 12.41 4.76
C PHE A 25 -2.72 13.57 5.60
N PRO A 26 -3.61 14.44 6.07
CA PRO A 26 -3.19 15.68 6.74
C PRO A 26 -2.65 15.42 8.15
N VAL A 27 -1.49 15.98 8.43
CA VAL A 27 -0.88 15.93 9.77
C VAL A 27 -0.63 17.34 10.31
N GLN A 30 2.45 17.77 14.76
CA GLN A 30 3.14 16.49 14.94
C GLN A 30 2.18 15.30 14.90
N LEU A 31 2.63 14.21 14.28
CA LEU A 31 1.83 13.00 14.14
C LEU A 31 1.59 12.34 15.51
N ASP A 32 0.36 11.93 15.75
CA ASP A 32 0.01 11.16 16.95
C ASP A 32 -0.25 9.72 16.51
N LEU A 33 0.77 8.85 16.66
CA LEU A 33 0.63 7.45 16.27
C LEU A 33 -0.52 6.76 17.01
N ALA A 34 -0.88 7.25 18.19
CA ALA A 34 -1.96 6.64 18.95
C ALA A 34 -3.32 6.86 18.30
N ALA A 35 -3.46 7.83 17.41
CA ALA A 35 -4.71 8.16 16.74
C ALA A 35 -4.79 7.62 15.31
N LEU A 36 -3.81 6.86 14.87
CA LEU A 36 -3.65 6.54 13.46
C LEU A 36 -3.86 5.05 13.19
N ILE A 37 -4.56 4.77 12.10
CA ILE A 37 -4.61 3.42 11.51
C ILE A 37 -4.35 3.56 10.02
N VAL A 38 -3.45 2.73 9.50
CA VAL A 38 -3.19 2.64 8.06
C VAL A 38 -3.48 1.21 7.63
N TYR A 39 -4.31 1.06 6.62
CA TYR A 39 -4.74 -0.27 6.18
C TYR A 39 -4.64 -0.30 4.67
N TRP A 40 -3.68 -1.06 4.15
CA TRP A 40 -3.49 -1.24 2.72
C TRP A 40 -4.04 -2.59 2.33
N GLU A 41 -4.79 -2.61 1.22
CA GLU A 41 -5.47 -3.81 0.72
C GLU A 41 -5.44 -3.75 -0.81
N MET A 42 -5.53 -4.91 -1.45
N MET A 42 -5.54 -4.92 -1.44
CA MET A 42 -5.64 -5.00 -2.91
CA MET A 42 -5.63 -5.01 -2.89
C MET A 42 -6.56 -6.16 -3.26
C MET A 42 -6.56 -6.16 -3.23
N GLU A 43 -7.75 -5.84 -3.75
CA GLU A 43 -8.71 -6.82 -4.26
C GLU A 43 -8.94 -8.00 -3.30
N ASP A 44 -9.31 -7.63 -2.08
CA ASP A 44 -9.65 -8.53 -0.96
C ASP A 44 -8.44 -9.22 -0.34
N LYS A 45 -7.23 -8.82 -0.71
CA LYS A 45 -6.01 -9.30 -0.09
C LYS A 45 -5.47 -8.22 0.82
N ASN A 46 -5.31 -8.54 2.11
CA ASN A 46 -4.77 -7.58 3.06
C ASN A 46 -3.26 -7.50 2.91
N ILE A 47 -2.73 -6.29 2.88
CA ILE A 47 -1.30 -6.06 2.73
C ILE A 47 -0.68 -5.54 4.03
N ILE A 48 -1.21 -4.44 4.57
CA ILE A 48 -0.64 -3.82 5.77
C ILE A 48 -1.80 -3.44 6.67
N GLN A 49 -1.71 -3.78 7.95
CA GLN A 49 -2.55 -3.19 8.98
C GLN A 49 -1.63 -2.63 10.04
N PHE A 50 -1.69 -1.32 10.24
CA PHE A 50 -0.78 -0.61 11.13
C PHE A 50 -1.66 0.16 12.10
N VAL A 51 -1.68 -0.28 13.35
CA VAL A 51 -2.61 0.21 14.35
C VAL A 51 -1.79 0.68 15.54
N HIS A 52 -1.98 1.95 15.91
CA HIS A 52 -1.25 2.61 16.97
C HIS A 52 0.23 2.24 17.00
N GLY A 53 0.91 2.46 15.88
CA GLY A 53 2.33 2.28 15.80
C GLY A 53 2.82 0.85 15.72
N GLU A 54 1.91 -0.12 15.57
CA GLU A 54 2.30 -1.52 15.53
C GLU A 54 1.75 -2.16 14.27
N GLU A 55 2.60 -2.90 13.57
CA GLU A 55 2.14 -3.64 12.41
C GLU A 55 1.57 -4.98 12.84
N ASP A 56 0.36 -5.27 12.36
CA ASP A 56 -0.36 -6.50 12.63
C ASP A 56 -0.37 -7.30 11.33
N LEU A 57 0.31 -8.45 11.34
CA LEU A 57 0.42 -9.33 10.17
C LEU A 57 -0.58 -10.46 10.22
N LYS A 58 -1.50 -10.43 11.19
CA LYS A 58 -2.30 -11.61 11.49
C LYS A 58 -3.15 -12.07 10.32
N THR A 59 -3.65 -11.14 9.51
CA THR A 59 -4.44 -11.50 8.34
C THR A 59 -3.81 -10.98 7.05
N GLN A 60 -2.51 -10.76 7.05
CA GLN A 60 -1.82 -10.43 5.81
C GLN A 60 -1.92 -11.59 4.83
N HIS A 61 -2.17 -11.26 3.56
CA HIS A 61 -2.30 -12.31 2.55
C HIS A 61 -0.94 -12.91 2.24
N SER A 62 -0.92 -14.22 2.00
CA SER A 62 0.35 -14.96 1.83
C SER A 62 1.12 -14.53 0.59
N SER A 63 0.43 -14.04 -0.44
CA SER A 63 1.11 -13.59 -1.65
C SER A 63 1.99 -12.36 -1.41
N TYR A 64 1.77 -11.64 -0.31
CA TYR A 64 2.56 -10.47 0.02
C TYR A 64 3.52 -10.74 1.18
N ARG A 65 3.54 -11.95 1.72
CA ARG A 65 4.41 -12.22 2.86
C ARG A 65 5.85 -11.98 2.48
N GLN A 66 6.56 -11.23 3.32
CA GLN A 66 7.97 -10.87 3.20
C GLN A 66 8.25 -9.86 2.09
N ARG A 67 7.23 -9.35 1.41
CA ARG A 67 7.46 -8.40 0.33
C ARG A 67 6.90 -7.00 0.56
N ALA A 68 6.12 -6.78 1.62
CA ALA A 68 5.37 -5.54 1.79
C ALA A 68 5.82 -4.83 3.07
N ARG A 69 6.08 -3.54 2.96
CA ARG A 69 6.57 -2.74 4.09
C ARG A 69 5.90 -1.38 4.06
N LEU A 70 5.40 -0.92 5.20
CA LEU A 70 5.00 0.47 5.35
C LEU A 70 6.22 1.26 5.85
N LEU A 71 6.56 2.33 5.14
CA LEU A 71 7.70 3.17 5.48
C LEU A 71 7.31 4.09 6.64
N LYS A 72 7.68 3.68 7.85
CA LYS A 72 7.16 4.34 9.05
C LYS A 72 7.66 5.78 9.16
N ASP A 73 8.91 6.04 8.75
CA ASP A 73 9.44 7.39 8.83
C ASP A 73 8.66 8.38 7.98
N GLN A 74 7.98 7.89 6.94
CA GLN A 74 7.18 8.78 6.11
C GLN A 74 5.89 9.19 6.78
N LEU A 75 5.42 8.43 7.77
CA LEU A 75 4.14 8.73 8.41
C LEU A 75 4.16 10.10 9.05
N SER A 76 5.29 10.48 9.66
CA SER A 76 5.38 11.79 10.30
C SER A 76 5.24 12.92 9.29
N LEU A 77 5.35 12.61 8.00
CA LEU A 77 5.15 13.58 6.93
C LEU A 77 3.74 13.55 6.36
N GLY A 78 2.85 12.76 6.93
CA GLY A 78 1.54 12.61 6.33
C GLY A 78 1.56 11.77 5.07
N ASN A 79 2.50 10.83 4.99
CA ASN A 79 2.70 9.99 3.81
C ASN A 79 2.61 8.54 4.25
N ALA A 80 1.56 7.83 3.80
CA ALA A 80 1.46 6.39 3.94
C ALA A 80 2.07 5.77 2.68
N ALA A 81 3.27 5.25 2.81
CA ALA A 81 4.06 4.77 1.68
C ALA A 81 4.22 3.26 1.82
N LEU A 82 3.66 2.52 0.87
CA LEU A 82 3.71 1.07 0.84
C LEU A 82 4.76 0.67 -0.18
N GLN A 83 5.79 -0.03 0.27
CA GLN A 83 6.85 -0.52 -0.60
C GLN A 83 6.65 -2.02 -0.81
N ILE A 84 6.54 -2.42 -2.07
CA ILE A 84 6.46 -3.82 -2.48
C ILE A 84 7.79 -4.15 -3.14
N THR A 85 8.48 -5.14 -2.62
CA THR A 85 9.74 -5.58 -3.20
C THR A 85 9.50 -6.78 -4.10
N ASP A 86 10.30 -6.88 -5.17
CA ASP A 86 10.26 -8.04 -6.05
C ASP A 86 8.85 -8.23 -6.63
N VAL A 87 8.40 -7.20 -7.35
CA VAL A 87 7.01 -7.13 -7.81
C VAL A 87 6.64 -8.35 -8.63
N LYS A 88 5.50 -8.95 -8.32
CA LYS A 88 4.96 -10.11 -9.03
C LYS A 88 3.85 -9.67 -9.99
N LEU A 89 3.57 -10.53 -10.97
CA LEU A 89 2.42 -10.31 -11.84
C LEU A 89 1.14 -10.17 -11.04
N GLN A 90 1.00 -10.98 -9.98
CA GLN A 90 -0.19 -10.93 -9.14
C GLN A 90 -0.35 -9.60 -8.41
N ASP A 91 0.69 -8.76 -8.37
CA ASP A 91 0.58 -7.47 -7.72
C ASP A 91 -0.14 -6.43 -8.59
N ALA A 92 -0.40 -6.71 -9.85
CA ALA A 92 -1.15 -5.77 -10.67
C ALA A 92 -2.60 -5.76 -10.20
N GLY A 93 -3.16 -4.56 -10.11
CA GLY A 93 -4.54 -4.42 -9.69
C GLY A 93 -4.75 -3.07 -9.01
N VAL A 94 -5.90 -2.94 -8.36
CA VAL A 94 -6.29 -1.70 -7.68
C VAL A 94 -6.06 -1.86 -6.18
N TYR A 95 -5.19 -1.03 -5.65
CA TYR A 95 -4.90 -0.95 -4.24
C TYR A 95 -5.77 0.11 -3.60
N ARG A 96 -6.15 -0.13 -2.35
CA ARG A 96 -6.88 0.86 -1.57
C ARG A 96 -6.07 1.13 -0.32
N CYS A 97 -5.83 2.42 -0.08
CA CYS A 97 -5.29 2.88 1.20
C CYS A 97 -6.44 3.45 2.01
N MET A 98 -6.68 2.84 3.18
CA MET A 98 -7.76 3.21 4.08
C MET A 98 -7.09 3.77 5.34
N ILE A 99 -7.22 5.08 5.54
CA ILE A 99 -6.51 5.78 6.61
C ILE A 99 -7.52 6.37 7.58
N SER A 100 -7.30 6.10 8.87
CA SER A 100 -8.09 6.65 9.96
C SER A 100 -7.18 7.53 10.81
N TYR A 101 -7.54 8.80 10.94
CA TYR A 101 -6.77 9.76 11.71
C TYR A 101 -7.64 10.98 11.95
N GLY A 102 -8.43 10.97 13.02
CA GLY A 102 -9.41 12.01 13.24
C GLY A 102 -10.40 12.12 12.10
N GLY A 103 -10.97 10.99 11.72
CA GLY A 103 -11.70 10.82 10.48
C GLY A 103 -11.11 9.67 9.69
N ALA A 104 -11.74 9.36 8.56
CA ALA A 104 -11.24 8.27 7.75
C ALA A 104 -11.61 8.50 6.30
N ASP A 105 -10.70 8.10 5.42
CA ASP A 105 -10.92 8.24 3.99
C ASP A 105 -10.07 7.18 3.28
N TYR A 106 -10.29 7.03 1.98
CA TYR A 106 -9.47 6.11 1.23
C TYR A 106 -9.25 6.63 -0.18
N LYS A 107 -8.26 6.02 -0.83
CA LYS A 107 -8.05 6.25 -2.26
C LYS A 107 -7.67 4.94 -2.94
N ARG A 108 -7.89 4.93 -4.26
CA ARG A 108 -7.57 3.80 -5.12
C ARG A 108 -6.37 4.14 -5.99
N ILE A 109 -5.44 3.20 -6.09
CA ILE A 109 -4.23 3.32 -6.89
C ILE A 109 -4.17 2.12 -7.83
N THR A 110 -4.02 2.37 -9.13
CA THR A 110 -3.91 1.29 -10.11
C THR A 110 -2.43 0.98 -10.36
N VAL A 111 -2.08 -0.30 -10.28
CA VAL A 111 -0.74 -0.79 -10.59
C VAL A 111 -0.81 -1.77 -11.76
N LYS A 112 0.00 -1.53 -12.78
CA LYS A 112 0.22 -2.44 -13.89
C LYS A 112 1.63 -2.99 -13.80
N VAL A 113 1.78 -4.28 -14.08
CA VAL A 113 3.07 -4.96 -14.05
C VAL A 113 3.33 -5.55 -15.43
N ASN A 114 4.43 -5.12 -16.06
CA ASN A 114 4.86 -5.66 -17.36
C ASN A 114 5.80 -6.84 -17.12
N ALA A 115 5.63 -7.90 -17.91
CA ALA A 115 6.52 -9.04 -17.77
C ALA A 115 6.51 -9.84 -19.06
N PRO A 116 7.63 -10.46 -19.42
CA PRO A 116 7.64 -11.36 -20.57
C PRO A 116 6.90 -12.65 -20.26
N TYR A 117 6.61 -13.41 -21.32
CA TYR A 117 5.78 -14.60 -21.21
C TYR A 117 6.31 -15.59 -20.17
N ALA A 118 7.62 -15.86 -20.18
CA ALA A 118 8.16 -16.84 -19.25
C ALA A 118 7.93 -16.45 -17.79
N ALA A 119 8.06 -15.15 -17.49
CA ALA A 119 7.83 -14.66 -16.13
C ALA A 119 6.36 -14.79 -15.73
N ALA A 120 5.44 -14.45 -16.63
CA ALA A 120 4.03 -14.61 -16.32
C ALA A 120 3.67 -16.07 -16.15
N LEU A 121 4.35 -16.96 -16.90
CA LEU A 121 4.12 -18.39 -16.80
C LEU A 121 4.58 -18.93 -15.44
N HIS A 122 5.69 -18.42 -14.91
CA HIS A 122 6.15 -18.78 -13.57
C HIS A 122 5.01 -18.74 -12.55
N GLU A 123 4.20 -17.69 -12.61
CA GLU A 123 3.16 -17.44 -11.61
C GLU A 123 1.79 -17.95 -12.01
N HIS A 124 1.66 -18.60 -13.16
CA HIS A 124 0.34 -18.89 -13.72
C HIS A 124 -0.46 -19.94 -12.93
#